data_7LH6
#
_entry.id   7LH6
#
_cell.length_a   55.754
_cell.length_b   84.461
_cell.length_c   129.499
_cell.angle_alpha   90.000
_cell.angle_beta   90.000
_cell.angle_gamma   90.000
#
_symmetry.space_group_name_H-M   'P 21 21 21'
#
loop_
_entity.id
_entity.type
_entity.pdbx_description
1 polymer 'L-galactose dehydrogenase'
2 water water
#
_entity_poly.entity_id   1
_entity_poly.type   'polypeptide(L)'
_entity_poly.pdbx_seq_one_letter_code
;MGSSHHHHHHSSGLVPRGSHMASMEYRELGKTGLKVPVLSYGASSLGGVFHSIKESEAIQSVFTAVEHGLNFIDVSPYYG
HYKAETVLGKALKELPRESFILSTKVGRYGKDGVNTWDYSGKRAQESVYESMERLNIDHIDLINVHDVEFSDMNQVVNET
LPALVELKEKGLVGHVGITDLQLENLKWVIDHAAPDTVEAVLNFCHYSLNDDKLVDFLDYFDEKGVGVINASPFGMGLLT
QRGVPEWHPAPKSLIEACAKAAKFCKEQGYPIEKLAVQFSVSNPRIPTTLFSSAKSESVLQNIKYIEEPIDWSLVEKVKE
IIGDQQRVSWANS
;
_entity_poly.pdbx_strand_id   B,A
#
# COMPACT_ATOMS: atom_id res chain seq x y z
N MET A 24 -16.11 -13.91 -17.96
CA MET A 24 -16.67 -14.77 -19.00
C MET A 24 -17.49 -13.98 -20.01
N GLU A 25 -17.98 -12.81 -19.61
CA GLU A 25 -18.66 -11.91 -20.53
C GLU A 25 -17.71 -10.80 -20.95
N TYR A 26 -17.73 -10.49 -22.24
CA TYR A 26 -16.87 -9.46 -22.80
C TYR A 26 -17.71 -8.34 -23.40
N ARG A 27 -17.23 -7.12 -23.23
CA ARG A 27 -17.81 -5.93 -23.82
C ARG A 27 -16.72 -5.21 -24.60
N GLU A 28 -17.10 -4.13 -25.28
CA GLU A 28 -16.17 -3.37 -26.11
C GLU A 28 -15.82 -2.07 -25.41
N LEU A 29 -14.53 -1.77 -25.32
CA LEU A 29 -14.10 -0.54 -24.67
C LEU A 29 -14.43 0.65 -25.58
N GLY A 30 -15.66 1.15 -25.47
CA GLY A 30 -16.08 2.27 -26.30
C GLY A 30 -15.97 1.93 -27.77
N LYS A 31 -15.26 2.76 -28.51
CA LYS A 31 -15.03 2.57 -29.93
C LYS A 31 -13.64 2.04 -30.25
N THR A 32 -12.86 1.70 -29.22
CA THR A 32 -11.47 1.27 -29.44
C THR A 32 -11.37 -0.07 -30.15
N GLY A 33 -12.41 -0.88 -30.11
CA GLY A 33 -12.35 -2.19 -30.73
C GLY A 33 -11.60 -3.24 -29.94
N LEU A 34 -11.22 -2.95 -28.70
CA LEU A 34 -10.66 -3.96 -27.81
C LEU A 34 -11.78 -4.65 -27.03
N LYS A 35 -11.71 -5.97 -26.95
CA LYS A 35 -12.72 -6.77 -26.28
C LYS A 35 -12.24 -7.08 -24.87
N VAL A 36 -12.85 -6.43 -23.88
CA VAL A 36 -12.41 -6.56 -22.49
C VAL A 36 -13.44 -7.36 -21.70
N PRO A 37 -13.02 -8.18 -20.75
CA PRO A 37 -14.01 -8.87 -19.90
C PRO A 37 -14.67 -7.91 -18.93
N VAL A 38 -15.89 -8.26 -18.51
CA VAL A 38 -16.63 -7.43 -17.58
C VAL A 38 -15.87 -7.17 -16.30
N LEU A 39 -14.93 -8.04 -15.96
CA LEU A 39 -14.07 -7.90 -14.80
C LEU A 39 -12.63 -8.01 -15.25
N SER A 40 -11.80 -7.06 -14.84
CA SER A 40 -10.40 -7.02 -15.26
C SER A 40 -9.50 -6.82 -14.05
N TYR A 41 -8.25 -7.25 -14.18
CA TYR A 41 -7.31 -7.34 -13.07
C TYR A 41 -6.32 -6.19 -13.11
N GLY A 42 -6.15 -5.52 -11.97
CA GLY A 42 -5.37 -4.31 -11.82
C GLY A 42 -4.22 -4.40 -10.84
N ALA A 43 -3.39 -5.44 -10.93
CA ALA A 43 -2.54 -5.96 -9.84
C ALA A 43 -2.06 -4.91 -8.85
N SER A 44 -2.25 -5.19 -7.56
CA SER A 44 -2.27 -4.19 -6.50
C SER A 44 -0.87 -3.65 -6.19
N SER A 45 -0.80 -2.87 -5.10
CA SER A 45 0.42 -2.21 -4.64
C SER A 45 1.61 -3.15 -4.53
N VAL A 49 8.03 -1.66 3.07
CA VAL A 49 8.66 -2.96 2.87
C VAL A 49 7.55 -3.98 2.53
N PHE A 50 7.97 -5.18 2.13
CA PHE A 50 7.09 -6.30 1.78
C PHE A 50 6.43 -6.14 0.41
N HIS A 51 7.07 -5.45 -0.54
CA HIS A 51 6.47 -5.39 -1.87
C HIS A 51 6.89 -6.54 -2.78
N SER A 52 7.95 -7.29 -2.41
CA SER A 52 8.40 -8.41 -3.26
C SER A 52 7.46 -9.60 -3.16
N ILE A 53 6.95 -9.86 -1.96
CA ILE A 53 5.98 -10.93 -1.72
C ILE A 53 4.69 -10.67 -2.49
N LYS A 54 4.12 -9.47 -2.30
CA LYS A 54 3.02 -8.99 -3.14
C LYS A 54 3.36 -9.16 -4.61
N GLU A 55 4.59 -8.84 -5.00
CA GLU A 55 4.99 -8.96 -6.40
C GLU A 55 4.79 -10.38 -6.90
N SER A 56 5.52 -11.33 -6.33
CA SER A 56 5.46 -12.72 -6.79
C SER A 56 4.02 -13.23 -6.84
N GLU A 57 3.24 -12.96 -5.79
CA GLU A 57 1.84 -13.37 -5.80
C GLU A 57 1.10 -12.73 -6.96
N ALA A 58 1.40 -11.46 -7.27
CA ALA A 58 0.69 -10.76 -8.34
C ALA A 58 1.05 -11.32 -9.70
N ILE A 59 2.31 -11.71 -9.91
CA ILE A 59 2.66 -12.34 -11.19
C ILE A 59 1.87 -13.64 -11.36
N GLN A 60 1.84 -14.47 -10.31
CA GLN A 60 1.01 -15.67 -10.38
C GLN A 60 -0.46 -15.31 -10.64
N SER A 61 -0.91 -14.17 -10.11
CA SER A 61 -2.31 -13.78 -10.27
C SER A 61 -2.61 -13.35 -11.70
N VAL A 62 -1.69 -12.63 -12.35
CA VAL A 62 -1.92 -12.27 -13.74
C VAL A 62 -1.92 -13.52 -14.60
N PHE A 63 -1.08 -14.50 -14.25
CA PHE A 63 -1.13 -15.76 -15.00
C PHE A 63 -2.48 -16.45 -14.84
N THR A 64 -2.99 -16.50 -13.60
CA THR A 64 -4.29 -17.12 -13.36
C THR A 64 -5.40 -16.39 -14.10
N ALA A 65 -5.39 -15.05 -14.06
CA ALA A 65 -6.43 -14.26 -14.72
C ALA A 65 -6.42 -14.48 -16.22
N VAL A 66 -5.24 -14.37 -16.85
CA VAL A 66 -5.15 -14.61 -18.29
C VAL A 66 -5.55 -16.04 -18.61
N GLU A 67 -5.30 -16.97 -17.70
CA GLU A 67 -5.75 -18.35 -17.91
C GLU A 67 -7.27 -18.44 -17.94
N HIS A 68 -7.94 -17.69 -17.08
CA HIS A 68 -9.39 -17.80 -16.94
C HIS A 68 -10.15 -16.77 -17.77
N GLY A 69 -9.47 -16.03 -18.64
CA GLY A 69 -10.14 -15.17 -19.60
C GLY A 69 -10.08 -13.68 -19.31
N LEU A 70 -9.39 -13.26 -18.25
CA LEU A 70 -9.28 -11.84 -17.90
C LEU A 70 -8.10 -11.25 -18.64
N ASN A 71 -8.34 -10.90 -19.92
CA ASN A 71 -7.28 -10.39 -20.77
C ASN A 71 -6.75 -9.06 -20.24
N PHE A 72 -7.65 -8.11 -19.97
CA PHE A 72 -7.23 -6.76 -19.64
C PHE A 72 -6.36 -6.75 -18.39
N ILE A 73 -5.12 -6.31 -18.55
CA ILE A 73 -4.10 -6.34 -17.51
C ILE A 73 -3.51 -4.94 -17.41
N ASP A 74 -3.73 -4.28 -16.27
CA ASP A 74 -3.15 -2.97 -16.02
C ASP A 74 -1.93 -3.13 -15.12
N VAL A 75 -0.81 -2.55 -15.55
CA VAL A 75 0.46 -2.68 -14.85
C VAL A 75 0.89 -1.35 -14.22
N SER A 76 -0.07 -0.46 -13.98
CA SER A 76 0.23 0.86 -13.43
C SER A 76 1.05 0.84 -12.14
N PRO A 77 0.81 -0.05 -11.16
CA PRO A 77 1.62 0.00 -9.93
C PRO A 77 3.07 -0.41 -10.11
N TYR A 78 3.45 -0.93 -11.28
CA TYR A 78 4.82 -1.36 -11.50
C TYR A 78 5.69 -0.25 -12.09
N TYR A 79 5.10 0.68 -12.83
CA TYR A 79 5.83 1.83 -13.36
C TYR A 79 6.35 2.68 -12.22
N GLY A 80 7.67 2.74 -12.07
CA GLY A 80 8.28 3.47 -10.99
C GLY A 80 9.42 2.73 -10.33
N HIS A 81 9.32 1.39 -10.31
CA HIS A 81 10.38 0.54 -9.79
C HIS A 81 10.90 -0.31 -10.94
N TYR A 82 12.15 -0.06 -11.32
CA TYR A 82 12.79 -0.85 -12.38
C TYR A 82 12.74 -2.33 -12.07
N LYS A 83 13.18 -2.70 -10.85
CA LYS A 83 13.18 -4.10 -10.45
C LYS A 83 11.79 -4.71 -10.51
N ALA A 84 10.75 -3.91 -10.20
CA ALA A 84 9.39 -4.45 -10.17
C ALA A 84 8.83 -4.65 -11.57
N GLU A 85 9.01 -3.68 -12.46
CA GLU A 85 8.49 -3.83 -13.81
C GLU A 85 9.26 -4.88 -14.59
N THR A 86 10.55 -5.08 -14.27
CA THR A 86 11.34 -6.07 -15.00
C THR A 86 10.80 -7.48 -14.77
N VAL A 87 10.37 -7.81 -13.55
CA VAL A 87 9.95 -9.18 -13.27
C VAL A 87 8.69 -9.53 -14.06
N LEU A 88 7.74 -8.58 -14.16
CA LEU A 88 6.54 -8.86 -14.95
C LEU A 88 6.83 -8.81 -16.43
N GLY A 89 7.76 -7.96 -16.87
CA GLY A 89 8.16 -8.02 -18.27
C GLY A 89 8.68 -9.40 -18.64
N LYS A 90 9.59 -9.93 -17.83
CA LYS A 90 10.19 -11.23 -18.12
C LYS A 90 9.19 -12.36 -17.95
N ALA A 91 8.29 -12.27 -16.94
CA ALA A 91 7.29 -13.31 -16.74
C ALA A 91 6.22 -13.28 -17.82
N LEU A 92 5.87 -12.09 -18.30
CA LEU A 92 4.80 -11.91 -19.26
C LEU A 92 5.25 -12.23 -20.67
N LYS A 93 6.55 -12.12 -20.95
CA LYS A 93 7.06 -12.62 -22.22
C LYS A 93 6.67 -14.06 -22.49
N GLU A 94 6.31 -14.82 -21.45
CA GLU A 94 5.94 -16.23 -21.60
C GLU A 94 4.52 -16.43 -22.12
N LEU A 95 3.75 -15.37 -22.33
CA LEU A 95 2.38 -15.52 -22.80
C LEU A 95 2.21 -14.89 -24.19
N PRO A 96 1.35 -15.46 -25.02
CA PRO A 96 1.17 -14.93 -26.38
C PRO A 96 0.62 -13.50 -26.36
N ARG A 97 1.12 -12.68 -27.28
CA ARG A 97 0.78 -11.26 -27.29
C ARG A 97 -0.69 -11.03 -27.59
N GLU A 98 -1.25 -11.75 -28.56
CA GLU A 98 -2.64 -11.57 -28.92
C GLU A 98 -3.60 -12.05 -27.83
N SER A 99 -3.10 -12.77 -26.82
CA SER A 99 -3.95 -13.33 -25.78
C SER A 99 -4.21 -12.39 -24.62
N PHE A 100 -3.61 -11.19 -24.62
CA PHE A 100 -3.90 -10.24 -23.55
C PHE A 100 -3.78 -8.81 -24.06
N ILE A 101 -4.51 -7.91 -23.39
CA ILE A 101 -4.54 -6.49 -23.69
C ILE A 101 -3.90 -5.78 -22.49
N LEU A 102 -2.88 -4.97 -22.75
CA LEU A 102 -2.09 -4.38 -21.68
C LEU A 102 -2.28 -2.86 -21.62
N SER A 103 -2.24 -2.33 -20.40
CA SER A 103 -2.37 -0.90 -20.14
C SER A 103 -1.46 -0.49 -18.99
N THR A 104 -1.00 0.76 -19.02
CA THR A 104 -0.12 1.28 -17.97
C THR A 104 -0.35 2.79 -17.81
N LYS A 105 0.41 3.39 -16.88
CA LYS A 105 -0.01 4.62 -16.20
C LYS A 105 0.47 5.92 -16.84
N VAL A 106 1.69 5.95 -17.40
CA VAL A 106 2.35 7.21 -17.76
C VAL A 106 2.48 8.11 -16.54
N GLY A 121 8.51 18.79 -21.26
CA GLY A 121 7.87 18.70 -22.56
C GLY A 121 7.33 17.32 -22.86
N LYS A 122 7.86 16.69 -23.90
CA LYS A 122 7.43 15.35 -24.28
C LYS A 122 8.18 14.28 -23.50
N ARG A 123 8.18 14.40 -22.17
CA ARG A 123 8.72 13.34 -21.34
C ARG A 123 7.81 12.12 -21.31
N ALA A 124 6.53 12.29 -21.65
CA ALA A 124 5.59 11.18 -21.62
C ALA A 124 5.92 10.12 -22.66
N GLN A 125 6.34 10.55 -23.85
CA GLN A 125 6.75 9.58 -24.87
C GLN A 125 7.93 8.76 -24.40
N GLU A 126 8.93 9.42 -23.81
CA GLU A 126 10.09 8.70 -23.29
C GLU A 126 9.66 7.74 -22.18
N SER A 127 8.68 8.15 -21.37
CA SER A 127 8.13 7.24 -20.36
C SER A 127 7.55 6.00 -20.99
N VAL A 128 6.77 6.17 -22.07
CA VAL A 128 6.18 5.02 -22.75
C VAL A 128 7.26 4.11 -23.32
N TYR A 129 8.27 4.71 -23.97
CA TYR A 129 9.41 3.98 -24.50
C TYR A 129 10.04 3.11 -23.42
N GLU A 130 10.40 3.72 -22.29
CA GLU A 130 11.11 2.99 -21.25
C GLU A 130 10.23 1.93 -20.61
N SER A 131 8.93 2.21 -20.48
CA SER A 131 8.01 1.22 -19.94
C SER A 131 7.99 -0.03 -20.82
N MET A 132 7.87 0.18 -22.14
CA MET A 132 7.97 -0.96 -23.06
C MET A 132 9.33 -1.65 -22.93
N GLU A 133 10.40 -0.87 -22.77
CA GLU A 133 11.75 -1.44 -22.75
C GLU A 133 11.91 -2.41 -21.59
N ARG A 134 11.48 -2.00 -20.39
CA ARG A 134 11.61 -2.91 -19.25
C ARG A 134 10.55 -4.00 -19.28
N LEU A 135 9.38 -3.74 -19.89
CA LEU A 135 8.40 -4.79 -20.09
C LEU A 135 8.70 -5.67 -21.29
N ASN A 136 9.64 -5.27 -22.14
CA ASN A 136 10.03 -6.00 -23.34
C ASN A 136 8.81 -6.33 -24.22
N ILE A 137 8.08 -5.28 -24.57
CA ILE A 137 6.93 -5.37 -25.45
C ILE A 137 7.04 -4.28 -26.51
N ASP A 138 6.70 -4.62 -27.74
CA ASP A 138 6.81 -3.68 -28.86
C ASP A 138 5.54 -2.85 -29.05
N HIS A 139 4.48 -3.13 -28.31
CA HIS A 139 3.21 -2.44 -28.53
C HIS A 139 2.37 -2.51 -27.26
N ILE A 140 2.04 -1.35 -26.70
CA ILE A 140 1.14 -1.25 -25.56
C ILE A 140 -0.27 -0.98 -26.09
N ASP A 141 -1.26 -1.70 -25.56
CA ASP A 141 -2.60 -1.62 -26.12
C ASP A 141 -3.34 -0.35 -25.67
N LEU A 142 -3.24 -0.01 -24.39
CA LEU A 142 -3.89 1.19 -23.87
C LEU A 142 -2.90 1.93 -22.99
N ILE A 143 -2.84 3.25 -23.15
CA ILE A 143 -1.95 4.09 -22.37
C ILE A 143 -2.78 5.22 -21.76
N ASN A 144 -2.66 5.42 -20.46
CA ASN A 144 -3.51 6.39 -19.77
C ASN A 144 -2.66 7.49 -19.15
N VAL A 145 -3.35 8.53 -18.68
CA VAL A 145 -2.71 9.69 -18.08
C VAL A 145 -3.33 9.92 -16.70
N HIS A 146 -2.49 10.04 -15.67
CA HIS A 146 -2.97 10.40 -14.35
C HIS A 146 -3.04 11.92 -14.20
N ASP A 147 -4.03 12.38 -13.45
CA ASP A 147 -4.47 13.78 -13.46
C ASP A 147 -4.93 14.16 -14.87
N ASN A 154 -2.29 20.01 -15.27
CA ASN A 154 -3.63 20.57 -15.43
C ASN A 154 -3.99 20.66 -16.92
N GLN A 155 -3.14 21.33 -17.68
CA GLN A 155 -3.28 21.38 -19.13
C GLN A 155 -2.46 20.25 -19.76
N VAL A 156 -2.94 19.03 -19.54
CA VAL A 156 -2.46 17.88 -20.32
C VAL A 156 -3.17 17.77 -21.65
N VAL A 157 -4.08 18.71 -21.96
CA VAL A 157 -4.85 18.66 -23.19
C VAL A 157 -4.06 19.14 -24.39
N ASN A 158 -3.00 19.94 -24.19
CA ASN A 158 -2.24 20.48 -25.30
C ASN A 158 -0.80 19.99 -25.39
N GLU A 159 -0.26 19.37 -24.34
CA GLU A 159 1.09 18.81 -24.41
C GLU A 159 1.11 17.29 -24.29
N THR A 160 0.56 16.74 -23.20
CA THR A 160 0.70 15.31 -22.94
C THR A 160 -0.11 14.48 -23.93
N LEU A 161 -1.39 14.81 -24.08
CA LEU A 161 -2.31 14.03 -24.90
C LEU A 161 -1.95 14.07 -26.39
N PRO A 162 -1.60 15.23 -26.96
CA PRO A 162 -1.08 15.21 -28.34
C PRO A 162 0.15 14.33 -28.49
N ALA A 163 1.03 14.30 -27.49
CA ALA A 163 2.22 13.45 -27.57
C ALA A 163 1.83 11.97 -27.61
N LEU A 164 0.93 11.56 -26.72
CA LEU A 164 0.51 10.15 -26.74
C LEU A 164 -0.23 9.82 -28.04
N VAL A 165 -1.01 10.76 -28.57
CA VAL A 165 -1.66 10.57 -29.86
C VAL A 165 -0.62 10.37 -30.95
N GLU A 166 0.47 11.15 -30.90
CA GLU A 166 1.55 10.97 -31.86
C GLU A 166 2.16 9.58 -31.76
N LEU A 167 2.35 9.10 -30.53
CA LEU A 167 2.88 7.74 -30.37
C LEU A 167 1.93 6.70 -30.92
N LYS A 168 0.61 6.96 -30.85
CA LYS A 168 -0.35 6.05 -31.47
C LYS A 168 -0.25 6.12 -33.00
N GLU A 169 -0.12 7.33 -33.54
CA GLU A 169 0.09 7.52 -34.98
C GLU A 169 1.23 6.65 -35.49
N LYS A 170 2.29 6.52 -34.69
CA LYS A 170 3.43 5.70 -35.06
C LYS A 170 3.17 4.21 -34.87
N GLY A 171 2.14 3.85 -34.11
CA GLY A 171 1.77 2.47 -33.94
C GLY A 171 2.38 1.78 -32.73
N LEU A 172 2.98 2.53 -31.81
CA LEU A 172 3.54 1.91 -30.61
C LEU A 172 2.46 1.68 -29.56
N VAL A 173 1.53 2.62 -29.40
CA VAL A 173 0.37 2.43 -28.54
C VAL A 173 -0.87 2.38 -29.42
N GLY A 174 -1.85 1.61 -28.96
CA GLY A 174 -3.10 1.48 -29.68
C GLY A 174 -4.10 2.57 -29.37
N HIS A 175 -4.27 2.87 -28.08
CA HIS A 175 -5.31 3.81 -27.66
C HIS A 175 -4.86 4.56 -26.42
N VAL A 176 -5.52 5.69 -26.18
CA VAL A 176 -5.10 6.69 -25.19
C VAL A 176 -6.29 7.05 -24.31
N GLY A 177 -6.05 7.09 -23.00
CA GLY A 177 -7.09 7.38 -22.03
C GLY A 177 -6.57 8.19 -20.85
N ILE A 178 -7.50 8.52 -19.96
CA ILE A 178 -7.23 9.36 -18.80
C ILE A 178 -7.78 8.70 -17.55
N THR A 179 -7.24 9.11 -16.40
CA THR A 179 -7.54 8.53 -15.11
C THR A 179 -7.72 9.65 -14.10
N ASP A 180 -8.85 9.64 -13.39
CA ASP A 180 -9.07 10.63 -12.35
C ASP A 180 -10.09 10.09 -11.36
N LEU A 181 -10.09 10.70 -10.17
CA LEU A 181 -11.09 10.41 -9.16
C LEU A 181 -12.38 11.20 -9.34
N GLN A 182 -12.30 12.36 -10.00
CA GLN A 182 -13.44 13.25 -10.19
C GLN A 182 -13.93 13.12 -11.62
N LEU A 183 -15.23 12.83 -11.77
CA LEU A 183 -15.82 12.77 -13.10
C LEU A 183 -15.90 14.16 -13.74
N GLU A 184 -16.00 15.21 -12.91
CA GLU A 184 -15.96 16.56 -13.44
C GLU A 184 -14.63 16.85 -14.13
N ASN A 185 -13.52 16.38 -13.54
CA ASN A 185 -12.22 16.57 -14.15
C ASN A 185 -12.08 15.78 -15.44
N LEU A 186 -12.59 14.55 -15.46
CA LEU A 186 -12.61 13.77 -16.70
C LEU A 186 -13.39 14.50 -17.78
N LYS A 187 -14.55 15.05 -17.42
CA LYS A 187 -15.37 15.80 -18.37
C LYS A 187 -14.61 17.01 -18.90
N TRP A 188 -13.93 17.74 -18.01
CA TRP A 188 -13.13 18.87 -18.46
C TRP A 188 -12.09 18.43 -19.48
N VAL A 189 -11.31 17.40 -19.14
CA VAL A 189 -10.25 16.95 -20.04
C VAL A 189 -10.83 16.58 -21.40
N ILE A 190 -11.93 15.82 -21.40
CA ILE A 190 -12.48 15.36 -22.67
C ILE A 190 -13.00 16.54 -23.49
N ASP A 191 -13.66 17.50 -22.85
CA ASP A 191 -14.17 18.66 -23.57
C ASP A 191 -13.04 19.47 -24.20
N HIS A 192 -12.01 19.78 -23.41
CA HIS A 192 -10.99 20.71 -23.88
C HIS A 192 -9.93 20.06 -24.76
N ALA A 193 -9.82 18.73 -24.75
CA ALA A 193 -8.84 18.07 -25.58
C ALA A 193 -9.24 18.15 -27.06
N ALA A 194 -8.29 17.80 -27.93
CA ALA A 194 -8.59 17.68 -29.34
C ALA A 194 -9.61 16.57 -29.55
N PRO A 195 -10.46 16.68 -30.58
CA PRO A 195 -11.54 15.72 -30.75
C PRO A 195 -11.04 14.31 -31.01
N ASP A 196 -11.82 13.32 -30.54
CA ASP A 196 -11.55 11.90 -30.71
C ASP A 196 -10.20 11.48 -30.12
N THR A 197 -9.64 12.28 -29.22
CA THR A 197 -8.36 11.95 -28.60
C THR A 197 -8.55 10.99 -27.43
N VAL A 198 -9.48 11.29 -26.54
CA VAL A 198 -9.67 10.51 -25.32
C VAL A 198 -10.53 9.30 -25.66
N GLU A 199 -9.93 8.12 -25.66
CA GLU A 199 -10.64 6.87 -25.96
C GLU A 199 -11.06 6.10 -24.73
N ALA A 200 -10.44 6.35 -23.58
CA ALA A 200 -10.71 5.59 -22.38
C ALA A 200 -10.69 6.52 -21.17
N VAL A 201 -11.54 6.19 -20.19
CA VAL A 201 -11.68 6.99 -18.98
C VAL A 201 -11.80 6.02 -17.81
N LEU A 202 -10.84 6.05 -16.90
CA LEU A 202 -10.84 5.18 -15.73
C LEU A 202 -11.24 5.97 -14.50
N ASN A 203 -12.13 5.41 -13.69
CA ASN A 203 -12.67 6.16 -12.56
C ASN A 203 -12.95 5.22 -11.40
N PHE A 204 -12.74 5.73 -10.18
CA PHE A 204 -12.75 4.92 -8.96
C PHE A 204 -13.95 5.23 -8.09
N CYS A 205 -14.56 4.18 -7.55
CA CYS A 205 -15.51 4.27 -6.44
C CYS A 205 -16.74 5.10 -6.80
N HIS A 206 -17.21 4.97 -8.03
CA HIS A 206 -18.40 5.73 -8.43
C HIS A 206 -19.39 4.90 -9.22
N TYR A 207 -19.19 3.59 -9.35
CA TYR A 207 -20.27 2.68 -9.73
C TYR A 207 -20.15 1.44 -8.83
N SER A 208 -20.82 1.49 -7.69
CA SER A 208 -20.81 0.42 -6.72
C SER A 208 -22.15 0.44 -5.98
N LEU A 209 -22.25 -0.38 -4.92
CA LEU A 209 -23.50 -0.45 -4.19
C LEU A 209 -23.78 0.80 -3.37
N ASN A 210 -22.72 1.50 -2.96
CA ASN A 210 -22.89 2.72 -2.18
C ASN A 210 -22.72 3.99 -3.02
N ASP A 211 -22.07 3.92 -4.17
CA ASP A 211 -21.85 5.09 -5.00
C ASP A 211 -22.14 4.74 -6.45
N ASP A 212 -23.02 5.52 -7.08
CA ASP A 212 -23.32 5.35 -8.50
C ASP A 212 -23.29 6.69 -9.22
N LYS A 213 -22.40 7.61 -8.81
CA LYS A 213 -22.27 8.89 -9.49
C LYS A 213 -21.77 8.73 -10.93
N LEU A 214 -21.24 7.57 -11.29
CA LEU A 214 -20.83 7.33 -12.67
C LEU A 214 -22.01 7.29 -13.62
N VAL A 215 -23.21 6.96 -13.11
CA VAL A 215 -24.39 6.83 -13.96
C VAL A 215 -24.70 8.14 -14.66
N ASP A 216 -24.65 9.25 -13.93
CA ASP A 216 -25.01 10.55 -14.50
C ASP A 216 -24.16 10.92 -15.70
N PHE A 217 -22.92 10.43 -15.75
CA PHE A 217 -21.97 10.81 -16.80
C PHE A 217 -21.94 9.82 -17.95
N LEU A 218 -22.75 8.74 -17.89
CA LEU A 218 -22.67 7.70 -18.92
C LEU A 218 -23.19 8.20 -20.26
N ASP A 219 -24.32 8.91 -20.25
CA ASP A 219 -24.82 9.49 -21.50
C ASP A 219 -23.77 10.39 -22.14
N TYR A 220 -23.11 11.21 -21.33
CA TYR A 220 -22.05 12.09 -21.82
C TYR A 220 -20.91 11.27 -22.45
N PHE A 221 -20.44 10.25 -21.73
CA PHE A 221 -19.34 9.44 -22.24
C PHE A 221 -19.71 8.75 -23.55
N ASP A 222 -20.98 8.35 -23.69
CA ASP A 222 -21.43 7.77 -24.95
C ASP A 222 -21.45 8.80 -26.05
N GLU A 223 -21.89 10.03 -25.75
CA GLU A 223 -21.84 11.10 -26.73
C GLU A 223 -20.43 11.31 -27.25
N LYS A 224 -19.45 11.30 -26.35
CA LYS A 224 -18.08 11.62 -26.74
C LYS A 224 -17.35 10.47 -27.41
N GLY A 225 -17.90 9.26 -27.39
CA GLY A 225 -17.18 8.11 -27.90
C GLY A 225 -16.10 7.63 -26.95
N VAL A 226 -16.38 7.62 -25.65
CA VAL A 226 -15.40 7.30 -24.62
C VAL A 226 -15.81 6.01 -23.94
N GLY A 227 -14.88 5.05 -23.88
CA GLY A 227 -15.10 3.86 -23.09
C GLY A 227 -14.77 4.10 -21.61
N VAL A 228 -15.52 3.43 -20.75
CA VAL A 228 -15.46 3.68 -19.31
C VAL A 228 -14.90 2.44 -18.61
N ILE A 229 -13.94 2.64 -17.72
CA ILE A 229 -13.36 1.58 -16.92
C ILE A 229 -13.62 1.91 -15.45
N ASN A 230 -14.50 1.14 -14.82
CA ASN A 230 -14.80 1.29 -13.41
C ASN A 230 -13.67 0.69 -12.58
N ALA A 231 -13.52 1.17 -11.35
CA ALA A 231 -12.51 0.59 -10.48
C ALA A 231 -12.95 0.67 -9.02
N SER A 232 -12.29 -0.14 -8.19
CA SER A 232 -12.55 -0.29 -6.76
C SER A 232 -14.02 -0.60 -6.50
N PRO A 233 -14.49 -1.79 -6.88
CA PRO A 233 -15.91 -2.12 -6.68
C PRO A 233 -16.30 -2.34 -5.22
N PHE A 234 -15.33 -2.36 -4.31
CA PHE A 234 -15.61 -2.58 -2.90
C PHE A 234 -15.50 -1.30 -2.08
N GLY A 235 -15.29 -0.15 -2.72
CA GLY A 235 -15.06 1.07 -1.98
C GLY A 235 -13.80 1.06 -1.14
N MET A 236 -12.84 0.19 -1.49
CA MET A 236 -11.57 0.07 -0.76
C MET A 236 -11.80 -0.34 0.69
N GLY A 237 -12.72 -1.27 0.90
CA GLY A 237 -12.95 -1.86 2.22
C GLY A 237 -14.36 -1.70 2.75
N LEU A 238 -15.14 -0.76 2.22
CA LEU A 238 -16.49 -0.53 2.73
C LEU A 238 -17.37 -1.75 2.52
N LEU A 239 -17.39 -2.27 1.29
CA LEU A 239 -18.28 -3.38 0.92
C LEU A 239 -17.63 -4.73 1.17
N THR A 240 -16.79 -4.81 2.19
CA THR A 240 -16.06 -6.00 2.59
C THR A 240 -16.59 -6.50 3.93
N GLN A 241 -16.46 -7.81 4.15
CA GLN A 241 -16.82 -8.36 5.46
C GLN A 241 -15.78 -7.99 6.52
N ARG A 242 -14.50 -8.10 6.19
CA ARG A 242 -13.44 -7.68 7.12
C ARG A 242 -13.63 -6.22 7.52
N GLY A 243 -13.75 -5.34 6.54
CA GLY A 243 -13.98 -3.95 6.84
C GLY A 243 -12.97 -3.01 6.23
N VAL A 244 -12.87 -1.81 6.80
CA VAL A 244 -12.18 -0.70 6.17
C VAL A 244 -10.75 -0.62 6.73
N PRO A 245 -9.76 -0.29 5.89
CA PRO A 245 -8.41 -0.07 6.43
C PRO A 245 -8.39 1.11 7.38
N GLU A 246 -7.26 1.24 8.09
CA GLU A 246 -7.14 2.32 9.06
C GLU A 246 -7.12 3.68 8.39
N TRP A 247 -6.43 3.79 7.24
CA TRP A 247 -6.22 5.07 6.58
C TRP A 247 -7.49 5.66 5.97
N HIS A 248 -8.54 4.87 5.85
CA HIS A 248 -9.71 5.30 5.08
C HIS A 248 -10.38 6.50 5.76
N PRO A 249 -10.68 7.57 5.01
CA PRO A 249 -11.28 8.77 5.60
C PRO A 249 -12.81 8.78 5.63
N ALA A 250 -13.47 7.74 5.11
CA ALA A 250 -14.92 7.75 4.98
C ALA A 250 -15.58 8.14 6.30
N PRO A 251 -16.63 8.96 6.27
CA PRO A 251 -17.24 9.44 7.52
C PRO A 251 -17.91 8.32 8.29
N LYS A 252 -18.19 8.61 9.56
CA LYS A 252 -18.78 7.62 10.47
C LYS A 252 -20.04 7.00 9.89
N SER A 253 -20.92 7.83 9.31
CA SER A 253 -22.22 7.33 8.87
C SER A 253 -22.07 6.35 7.72
N LEU A 254 -21.20 6.66 6.75
CA LEU A 254 -20.98 5.75 5.63
C LEU A 254 -20.42 4.42 6.11
N ILE A 255 -19.41 4.47 6.98
CA ILE A 255 -18.81 3.26 7.53
C ILE A 255 -19.88 2.39 8.21
N GLU A 256 -20.73 3.02 9.02
CA GLU A 256 -21.73 2.27 9.76
C GLU A 256 -22.79 1.67 8.84
N ALA A 257 -23.27 2.43 7.86
CA ALA A 257 -24.26 1.91 6.94
C ALA A 257 -23.70 0.73 6.14
N CYS A 258 -22.44 0.83 5.72
CA CYS A 258 -21.84 -0.26 4.95
C CYS A 258 -21.59 -1.48 5.84
N ALA A 259 -21.21 -1.26 7.10
CA ALA A 259 -21.03 -2.39 8.01
C ALA A 259 -22.35 -3.09 8.29
N LYS A 260 -23.44 -2.33 8.41
CA LYS A 260 -24.74 -2.95 8.61
C LYS A 260 -25.16 -3.75 7.38
N ALA A 261 -24.98 -3.18 6.18
CA ALA A 261 -25.23 -3.94 4.98
C ALA A 261 -24.36 -5.19 4.91
N ALA A 262 -23.13 -5.11 5.43
CA ALA A 262 -22.21 -6.25 5.37
C ALA A 262 -22.68 -7.38 6.28
N LYS A 263 -23.02 -7.06 7.53
CA LYS A 263 -23.46 -8.13 8.42
C LYS A 263 -24.84 -8.65 8.03
N PHE A 264 -25.67 -7.80 7.42
CA PHE A 264 -26.92 -8.30 6.83
C PHE A 264 -26.63 -9.31 5.73
N CYS A 265 -25.72 -8.98 4.82
CA CYS A 265 -25.32 -9.91 3.77
C CYS A 265 -24.78 -11.20 4.37
N LYS A 266 -24.03 -11.10 5.46
CA LYS A 266 -23.50 -12.28 6.12
C LYS A 266 -24.61 -13.17 6.66
N GLU A 267 -25.56 -12.58 7.40
CA GLU A 267 -26.69 -13.34 7.92
C GLU A 267 -27.52 -13.98 6.82
N GLN A 268 -27.48 -13.43 5.61
CA GLN A 268 -28.22 -13.95 4.48
C GLN A 268 -27.47 -15.04 3.71
N GLY A 269 -26.24 -15.35 4.11
CA GLY A 269 -25.47 -16.38 3.43
C GLY A 269 -24.99 -15.98 2.05
N TYR A 270 -24.69 -14.69 1.86
CA TYR A 270 -24.43 -14.14 0.53
C TYR A 270 -23.44 -13.00 0.70
N PRO A 271 -22.15 -13.28 0.54
CA PRO A 271 -21.12 -12.31 0.96
C PRO A 271 -21.28 -10.96 0.30
N ILE A 272 -21.04 -9.91 1.07
CA ILE A 272 -21.16 -8.54 0.57
C ILE A 272 -20.20 -8.30 -0.59
N GLU A 273 -19.05 -8.97 -0.59
CA GLU A 273 -18.09 -8.80 -1.68
C GLU A 273 -18.63 -9.36 -2.99
N LYS A 274 -19.28 -10.53 -2.93
CA LYS A 274 -19.88 -11.10 -4.13
C LYS A 274 -20.91 -10.16 -4.74
N LEU A 275 -21.85 -9.68 -3.92
CA LEU A 275 -22.85 -8.73 -4.39
C LEU A 275 -22.19 -7.48 -4.95
N ALA A 276 -21.13 -6.99 -4.29
CA ALA A 276 -20.46 -5.79 -4.73
C ALA A 276 -19.91 -5.96 -6.15
N VAL A 277 -19.09 -6.99 -6.34
CA VAL A 277 -18.47 -7.18 -7.65
C VAL A 277 -19.51 -7.53 -8.71
N GLN A 278 -20.61 -8.20 -8.32
CA GLN A 278 -21.66 -8.51 -9.27
C GLN A 278 -22.36 -7.25 -9.75
N PHE A 279 -22.71 -6.36 -8.81
CA PHE A 279 -23.33 -5.09 -9.19
C PHE A 279 -22.40 -4.30 -10.09
N SER A 280 -21.13 -4.17 -9.69
CA SER A 280 -20.22 -3.28 -10.42
C SER A 280 -20.09 -3.68 -11.88
N VAL A 281 -20.12 -4.98 -12.18
CA VAL A 281 -20.03 -5.45 -13.56
C VAL A 281 -21.39 -5.62 -14.21
N SER A 282 -22.48 -5.30 -13.51
CA SER A 282 -23.83 -5.60 -14.01
C SER A 282 -24.30 -4.63 -15.08
N ASN A 283 -23.66 -3.46 -15.23
CA ASN A 283 -24.15 -2.47 -16.18
C ASN A 283 -23.49 -2.68 -17.54
N PRO A 284 -24.26 -2.72 -18.63
CA PRO A 284 -23.66 -2.93 -19.96
C PRO A 284 -23.00 -1.70 -20.55
N ARG A 285 -23.35 -0.49 -20.12
CA ARG A 285 -22.68 0.70 -20.64
C ARG A 285 -21.32 0.94 -19.99
N ILE A 286 -20.95 0.15 -19.00
CA ILE A 286 -19.61 0.16 -18.42
C ILE A 286 -18.90 -1.11 -18.91
N PRO A 287 -17.96 -0.99 -19.86
CA PRO A 287 -17.36 -2.20 -20.43
C PRO A 287 -16.64 -3.09 -19.43
N THR A 288 -15.83 -2.53 -18.53
CA THR A 288 -15.05 -3.37 -17.63
C THR A 288 -14.87 -2.70 -16.28
N THR A 289 -14.73 -3.54 -15.25
CA THR A 289 -14.43 -3.12 -13.90
C THR A 289 -13.10 -3.74 -13.47
N LEU A 290 -12.25 -2.92 -12.87
CA LEU A 290 -10.89 -3.30 -12.50
C LEU A 290 -10.81 -3.49 -11.00
N PHE A 291 -10.44 -4.70 -10.56
CA PHE A 291 -10.20 -4.99 -9.16
C PHE A 291 -8.72 -5.23 -8.94
N SER A 292 -8.21 -4.72 -7.83
CA SER A 292 -6.79 -4.83 -7.49
C SER A 292 -6.64 -5.85 -6.37
N SER A 293 -6.19 -7.04 -6.72
CA SER A 293 -5.93 -8.11 -5.77
C SER A 293 -4.45 -8.49 -5.83
N ALA A 294 -4.04 -9.33 -4.89
CA ALA A 294 -2.68 -9.83 -4.85
C ALA A 294 -2.60 -11.33 -5.03
N LYS A 295 -3.39 -12.10 -4.28
CA LYS A 295 -3.39 -13.54 -4.41
C LYS A 295 -4.28 -13.98 -5.57
N SER A 296 -3.98 -15.15 -6.11
CA SER A 296 -4.78 -15.70 -7.19
C SER A 296 -6.13 -16.22 -6.70
N GLU A 297 -6.23 -16.59 -5.42
CA GLU A 297 -7.49 -17.07 -4.88
C GLU A 297 -8.54 -15.97 -4.90
N SER A 298 -8.14 -14.72 -4.64
CA SER A 298 -9.07 -13.61 -4.76
C SER A 298 -9.58 -13.46 -6.18
N VAL A 299 -8.69 -13.64 -7.16
CA VAL A 299 -9.08 -13.53 -8.57
C VAL A 299 -10.09 -14.62 -8.91
N LEU A 300 -9.84 -15.86 -8.45
CA LEU A 300 -10.76 -16.96 -8.74
C LEU A 300 -12.10 -16.75 -8.06
N GLN A 301 -12.07 -16.26 -6.80
CA GLN A 301 -13.30 -15.94 -6.09
C GLN A 301 -14.12 -14.91 -6.86
N ASN A 302 -13.47 -13.84 -7.34
CA ASN A 302 -14.19 -12.80 -8.05
C ASN A 302 -14.73 -13.30 -9.40
N ILE A 303 -14.00 -14.19 -10.07
CA ILE A 303 -14.51 -14.74 -11.32
C ILE A 303 -15.75 -15.59 -11.06
N LYS A 304 -15.67 -16.50 -10.08
CA LYS A 304 -16.84 -17.27 -9.69
C LYS A 304 -17.99 -16.37 -9.28
N TYR A 305 -17.69 -15.21 -8.70
CA TYR A 305 -18.74 -14.30 -8.26
C TYR A 305 -19.43 -13.62 -9.43
N ILE A 306 -18.66 -13.06 -10.36
CA ILE A 306 -19.27 -12.39 -11.50
C ILE A 306 -20.03 -13.37 -12.37
N GLU A 307 -19.54 -14.61 -12.48
CA GLU A 307 -20.25 -15.59 -13.29
C GLU A 307 -21.52 -16.10 -12.61
N GLU A 308 -21.70 -15.81 -11.33
CA GLU A 308 -22.97 -16.15 -10.70
C GLU A 308 -23.99 -15.03 -10.94
N PRO A 309 -25.27 -15.37 -11.04
CA PRO A 309 -26.30 -14.34 -11.24
C PRO A 309 -26.42 -13.44 -10.02
N ILE A 310 -26.94 -12.24 -10.27
CA ILE A 310 -27.07 -11.22 -9.24
C ILE A 310 -28.50 -11.24 -8.69
N ASP A 311 -28.64 -11.10 -7.38
CA ASP A 311 -29.95 -11.06 -6.74
C ASP A 311 -30.36 -9.61 -6.58
N TRP A 312 -31.17 -9.12 -7.53
CA TRP A 312 -31.54 -7.71 -7.54
C TRP A 312 -32.37 -7.34 -6.30
N SER A 313 -33.19 -8.26 -5.81
CA SER A 313 -33.88 -8.03 -4.54
C SER A 313 -32.87 -7.78 -3.43
N LEU A 314 -31.75 -8.51 -3.43
CA LEU A 314 -30.71 -8.27 -2.44
C LEU A 314 -30.04 -6.93 -2.66
N VAL A 315 -29.82 -6.54 -3.92
CA VAL A 315 -29.26 -5.23 -4.21
C VAL A 315 -30.14 -4.12 -3.63
N GLU A 316 -31.46 -4.28 -3.74
CA GLU A 316 -32.35 -3.25 -3.22
C GLU A 316 -32.41 -3.28 -1.70
N LYS A 317 -32.43 -4.47 -1.09
CA LYS A 317 -32.38 -4.54 0.36
C LYS A 317 -31.08 -3.99 0.92
N VAL A 318 -30.01 -4.00 0.11
CA VAL A 318 -28.74 -3.41 0.54
C VAL A 318 -28.74 -1.90 0.31
N LYS A 319 -29.37 -1.43 -0.76
CA LYS A 319 -29.52 0.00 -1.01
C LYS A 319 -30.54 0.64 -0.08
N GLU A 320 -31.32 -0.14 0.65
CA GLU A 320 -32.14 0.40 1.74
C GLU A 320 -31.34 0.54 3.02
N ILE A 321 -30.36 -0.33 3.25
CA ILE A 321 -29.48 -0.18 4.40
C ILE A 321 -28.50 0.96 4.17
N ILE A 322 -27.96 1.06 2.96
CA ILE A 322 -27.20 2.24 2.54
C ILE A 322 -28.20 3.29 2.09
N GLY A 323 -28.60 4.17 3.01
CA GLY A 323 -29.65 5.12 2.72
C GLY A 323 -29.14 6.46 2.26
N ASP A 324 -29.20 7.47 3.12
CA ASP A 324 -28.73 8.81 2.81
C ASP A 324 -27.23 8.83 2.59
N GLN A 325 -26.57 7.68 2.79
CA GLN A 325 -25.13 7.55 2.62
C GLN A 325 -24.73 7.25 1.18
N GLN A 326 -25.67 6.99 0.29
CA GLN A 326 -25.32 6.69 -1.09
C GLN A 326 -24.71 7.92 -1.75
N ARG A 327 -23.58 7.70 -2.44
CA ARG A 327 -22.81 8.71 -3.15
C ARG A 327 -22.11 9.71 -2.23
N VAL A 328 -22.14 9.48 -0.91
CA VAL A 328 -21.39 10.34 -0.01
C VAL A 328 -19.90 10.17 -0.30
N SER A 329 -19.23 11.28 -0.62
CA SER A 329 -17.83 11.23 -1.00
C SER A 329 -16.93 11.26 0.21
N TRP A 330 -15.72 10.71 0.04
CA TRP A 330 -14.65 10.82 1.04
C TRP A 330 -13.33 11.21 0.39
N ALA A 331 -13.36 11.72 -0.83
CA ALA A 331 -12.16 12.11 -1.56
C ALA A 331 -11.49 13.32 -0.92
N MET B 24 5.12 8.65 29.03
CA MET B 24 5.85 8.04 27.92
C MET B 24 7.26 7.65 28.33
N GLU B 25 7.65 6.43 27.97
CA GLU B 25 8.94 5.88 28.33
C GLU B 25 9.94 6.03 27.18
N TYR B 26 11.22 6.10 27.52
CA TYR B 26 12.27 6.33 26.54
C TYR B 26 13.44 5.38 26.80
N ARG B 27 14.08 4.93 25.72
CA ARG B 27 15.24 4.08 25.78
C ARG B 27 16.34 4.68 24.92
N GLU B 28 17.59 4.51 25.34
CA GLU B 28 18.70 4.87 24.47
C GLU B 28 18.83 3.82 23.37
N LEU B 29 19.14 4.28 22.15
CA LEU B 29 19.21 3.39 20.99
C LEU B 29 20.62 2.81 20.89
N GLY B 30 20.97 1.97 21.87
CA GLY B 30 22.32 1.42 21.89
C GLY B 30 23.34 2.47 22.29
N LYS B 31 24.45 2.50 21.55
CA LYS B 31 25.53 3.45 21.79
C LYS B 31 25.35 4.72 20.99
N THR B 32 24.11 5.11 20.75
CA THR B 32 23.75 6.13 19.79
C THR B 32 23.49 7.47 20.45
N GLY B 33 23.20 7.49 21.75
CA GLY B 33 22.93 8.72 22.45
C GLY B 33 21.54 9.27 22.28
N LEU B 34 20.84 8.87 21.22
CA LEU B 34 19.47 9.32 20.98
C LEU B 34 18.51 8.62 21.94
N LYS B 35 17.85 9.42 22.78
CA LYS B 35 16.71 8.96 23.57
C LYS B 35 15.52 8.83 22.65
N VAL B 36 15.09 7.60 22.41
CA VAL B 36 13.99 7.33 21.49
C VAL B 36 12.80 6.78 22.28
N PRO B 37 11.57 7.09 21.91
CA PRO B 37 10.41 6.59 22.65
C PRO B 37 10.12 5.14 22.31
N VAL B 38 9.57 4.41 23.30
CA VAL B 38 9.46 2.96 23.18
C VAL B 38 8.65 2.56 21.95
N LEU B 39 7.71 3.42 21.53
CA LEU B 39 7.02 3.27 20.26
C LEU B 39 7.57 4.33 19.31
N SER B 40 7.54 4.03 18.01
CA SER B 40 8.03 4.97 17.02
C SER B 40 7.10 5.03 15.83
N TYR B 41 6.85 6.24 15.33
CA TYR B 41 5.93 6.42 14.22
C TYR B 41 6.66 6.21 12.89
N GLY B 42 6.12 5.34 12.05
CA GLY B 42 6.78 4.94 10.82
C GLY B 42 6.15 5.50 9.55
N ALA B 43 5.09 6.29 9.67
CA ALA B 43 4.52 7.01 8.53
C ALA B 43 4.08 6.05 7.42
N SER B 44 2.98 5.35 7.71
CA SER B 44 2.43 4.29 6.86
C SER B 44 2.52 4.62 5.37
N SER B 45 2.74 3.58 4.56
CA SER B 45 3.03 3.72 3.14
C SER B 45 2.03 4.64 2.44
N LEU B 46 2.55 5.56 1.64
CA LEU B 46 1.73 6.57 0.98
C LEU B 46 1.49 6.28 -0.50
N GLY B 47 2.34 5.48 -1.14
CA GLY B 47 2.21 5.24 -2.56
C GLY B 47 0.88 4.60 -2.93
N GLY B 48 0.52 4.77 -4.21
CA GLY B 48 -0.73 4.27 -4.75
C GLY B 48 -1.70 5.40 -5.02
N VAL B 49 -2.88 5.00 -5.50
CA VAL B 49 -3.99 5.94 -5.66
C VAL B 49 -4.61 6.18 -4.28
N PHE B 50 -5.22 7.36 -4.11
CA PHE B 50 -5.59 7.92 -2.81
C PHE B 50 -4.36 8.30 -1.98
N HIS B 51 -3.21 8.51 -2.63
CA HIS B 51 -2.01 8.92 -1.92
C HIS B 51 -2.21 10.25 -1.22
N SER B 52 -2.99 11.15 -1.82
CA SER B 52 -3.23 12.46 -1.23
C SER B 52 -3.84 12.34 0.16
N ILE B 53 -4.88 11.51 0.29
CA ILE B 53 -5.53 11.29 1.59
C ILE B 53 -4.51 10.78 2.59
N LYS B 54 -3.72 9.79 2.19
CA LYS B 54 -2.81 9.14 3.14
C LYS B 54 -1.75 10.10 3.63
N GLU B 55 -1.13 10.88 2.73
CA GLU B 55 -0.10 11.80 3.19
C GLU B 55 -0.69 12.98 3.96
N SER B 56 -1.88 13.45 3.54
CA SER B 56 -2.58 14.48 4.31
C SER B 56 -2.80 14.04 5.75
N GLU B 57 -3.24 12.81 5.94
CA GLU B 57 -3.44 12.29 7.30
C GLU B 57 -2.10 12.08 8.01
N ALA B 58 -1.09 11.61 7.27
CA ALA B 58 0.20 11.31 7.88
C ALA B 58 0.86 12.57 8.44
N ILE B 59 0.60 13.73 7.84
CA ILE B 59 1.15 14.96 8.41
C ILE B 59 0.57 15.22 9.79
N GLN B 60 -0.76 15.16 9.90
CA GLN B 60 -1.41 15.30 11.21
C GLN B 60 -0.92 14.23 12.18
N SER B 61 -0.63 13.03 11.68
CA SER B 61 -0.12 11.96 12.54
C SER B 61 1.28 12.28 13.06
N VAL B 62 2.15 12.82 12.20
CA VAL B 62 3.47 13.26 12.65
C VAL B 62 3.34 14.28 13.76
N PHE B 63 2.50 15.30 13.53
CA PHE B 63 2.29 16.34 14.54
C PHE B 63 1.79 15.73 15.85
N THR B 64 0.83 14.82 15.76
CA THR B 64 0.24 14.23 16.96
C THR B 64 1.27 13.40 17.72
N ALA B 65 2.03 12.57 17.00
CA ALA B 65 3.03 11.73 17.64
C ALA B 65 4.10 12.58 18.34
N VAL B 66 4.51 13.69 17.72
CA VAL B 66 5.51 14.54 18.36
C VAL B 66 4.91 15.26 19.57
N GLU B 67 3.72 15.83 19.40
CA GLU B 67 3.06 16.54 20.49
C GLU B 67 2.75 15.62 21.67
N HIS B 68 2.66 14.32 21.43
CA HIS B 68 2.25 13.38 22.46
C HIS B 68 3.37 12.45 22.94
N GLY B 69 4.59 12.61 22.43
CA GLY B 69 5.70 11.90 23.02
C GLY B 69 6.69 11.20 22.11
N LEU B 70 6.37 11.06 20.82
CA LEU B 70 7.22 10.29 19.93
C LEU B 70 8.24 11.20 19.26
N ASN B 71 9.43 11.27 19.87
CA ASN B 71 10.57 11.94 19.24
C ASN B 71 10.81 11.39 17.85
N PHE B 72 10.66 10.08 17.70
CA PHE B 72 11.32 9.31 16.65
C PHE B 72 10.35 9.09 15.51
N ILE B 73 10.54 9.81 14.42
CA ILE B 73 9.76 9.63 13.20
C ILE B 73 10.67 9.06 12.13
N ASP B 74 10.18 8.04 11.44
CA ASP B 74 10.83 7.51 10.24
C ASP B 74 9.97 7.89 9.04
N VAL B 75 10.62 8.33 7.98
CA VAL B 75 9.89 8.83 6.81
C VAL B 75 10.35 8.11 5.55
N SER B 76 10.79 6.86 5.69
CA SER B 76 11.15 6.06 4.52
C SER B 76 10.08 6.03 3.44
N PRO B 77 8.79 5.88 3.74
CA PRO B 77 7.78 5.94 2.68
C PRO B 77 7.72 7.29 1.97
N TYR B 78 8.23 8.36 2.58
CA TYR B 78 8.35 9.63 1.89
C TYR B 78 9.58 9.69 1.00
N TYR B 79 10.55 8.81 1.22
CA TYR B 79 11.74 8.72 0.37
C TYR B 79 11.29 8.19 -0.99
N GLY B 80 11.16 9.09 -1.95
CA GLY B 80 10.70 8.69 -3.28
C GLY B 80 9.72 9.65 -3.93
N HIS B 81 8.90 10.34 -3.14
CA HIS B 81 7.85 11.21 -3.68
C HIS B 81 8.26 12.65 -3.48
N TYR B 82 8.49 13.35 -4.60
CA TYR B 82 8.93 14.74 -4.58
C TYR B 82 8.00 15.61 -3.74
N LYS B 83 6.73 15.70 -4.13
CA LYS B 83 5.79 16.65 -3.52
C LYS B 83 5.50 16.28 -2.07
N ALA B 84 5.25 15.00 -1.81
CA ALA B 84 5.00 14.54 -0.44
C ALA B 84 6.17 14.90 0.47
N GLU B 85 7.40 14.58 0.03
CA GLU B 85 8.58 14.90 0.82
C GLU B 85 8.69 16.40 1.07
N THR B 86 8.39 17.23 0.07
CA THR B 86 8.59 18.67 0.23
C THR B 86 7.57 19.27 1.20
N VAL B 87 6.29 18.91 1.07
CA VAL B 87 5.33 19.48 2.01
C VAL B 87 5.48 18.85 3.39
N LEU B 88 6.02 17.63 3.48
CA LEU B 88 6.47 17.15 4.79
C LEU B 88 7.63 17.97 5.32
N GLY B 89 8.47 18.49 4.42
CA GLY B 89 9.49 19.44 4.85
C GLY B 89 8.90 20.69 5.44
N LYS B 90 7.83 21.20 4.83
CA LYS B 90 7.06 22.29 5.43
C LYS B 90 6.60 21.91 6.84
N ALA B 91 5.93 20.76 6.94
CA ALA B 91 5.36 20.33 8.22
C ALA B 91 6.43 20.20 9.30
N LEU B 92 7.58 19.63 8.96
CA LEU B 92 8.65 19.49 9.94
C LEU B 92 9.33 20.83 10.23
N LYS B 93 9.31 21.74 9.26
CA LYS B 93 9.76 23.11 9.52
C LYS B 93 8.84 23.81 10.51
N GLU B 94 7.60 23.33 10.65
CA GLU B 94 6.74 23.86 11.70
C GLU B 94 7.18 23.44 13.11
N LEU B 95 8.08 22.47 13.24
CA LEU B 95 8.46 21.92 14.55
C LEU B 95 9.88 22.31 14.95
N PRO B 96 10.16 22.41 16.26
CA PRO B 96 11.48 22.89 16.71
C PRO B 96 12.64 21.96 16.38
N ARG B 97 13.86 22.40 16.72
CA ARG B 97 15.07 21.68 16.36
C ARG B 97 15.12 20.31 17.04
N GLU B 98 15.20 20.29 18.37
CA GLU B 98 15.33 19.04 19.12
C GLU B 98 13.99 18.36 19.37
N SER B 99 12.91 18.85 18.74
CA SER B 99 11.60 18.29 19.01
C SER B 99 11.39 16.92 18.39
N PHE B 100 12.23 16.51 17.43
CA PHE B 100 12.04 15.22 16.78
C PHE B 100 13.35 14.65 16.28
N ILE B 101 13.47 13.33 16.39
CA ILE B 101 14.56 12.56 15.78
C ILE B 101 14.02 11.96 14.48
N LEU B 102 14.75 12.14 13.39
CA LEU B 102 14.29 11.71 12.07
C LEU B 102 15.26 10.71 11.47
N SER B 103 14.71 9.65 10.87
CA SER B 103 15.49 8.63 10.20
C SER B 103 14.83 8.31 8.86
N THR B 104 15.66 7.95 7.87
CA THR B 104 15.16 7.71 6.53
C THR B 104 16.11 6.76 5.79
N LYS B 105 15.62 6.26 4.66
CA LYS B 105 16.44 5.51 3.70
C LYS B 105 17.34 6.51 2.97
N LYS B 122 28.48 4.77 -3.64
CA LYS B 122 28.71 5.53 -4.86
C LYS B 122 27.80 6.76 -4.94
N ARG B 123 26.60 6.56 -5.50
CA ARG B 123 25.63 7.62 -5.64
C ARG B 123 24.64 7.69 -4.48
N ALA B 124 24.73 6.76 -3.52
CA ALA B 124 23.87 6.83 -2.33
C ALA B 124 24.13 8.12 -1.56
N GLN B 125 25.38 8.59 -1.58
CA GLN B 125 25.71 9.90 -1.04
C GLN B 125 24.80 10.99 -1.61
N GLU B 126 24.74 11.05 -2.94
CA GLU B 126 23.89 12.04 -3.59
C GLU B 126 22.42 11.81 -3.28
N SER B 127 22.02 10.57 -3.02
CA SER B 127 20.63 10.30 -2.64
C SER B 127 20.31 10.94 -1.29
N VAL B 128 21.19 10.72 -0.31
CA VAL B 128 21.02 11.35 1.00
C VAL B 128 20.96 12.87 0.85
N TYR B 129 21.88 13.44 0.06
CA TYR B 129 21.89 14.88 -0.17
C TYR B 129 20.58 15.36 -0.80
N GLU B 130 20.15 14.68 -1.87
CA GLU B 130 18.95 15.03 -2.60
C GLU B 130 17.75 15.08 -1.67
N SER B 131 17.51 13.99 -0.94
CA SER B 131 16.32 13.96 -0.10
C SER B 131 16.46 14.84 1.14
N MET B 132 17.68 15.11 1.59
CA MET B 132 17.87 16.11 2.64
C MET B 132 17.45 17.49 2.17
N GLU B 133 17.80 17.84 0.93
CA GLU B 133 17.31 19.07 0.33
C GLU B 133 15.80 19.10 0.31
N ARG B 134 15.19 18.02 -0.19
CA ARG B 134 13.73 17.99 -0.31
C ARG B 134 13.04 18.13 1.04
N LEU B 135 13.64 17.57 2.11
CA LEU B 135 13.07 17.74 3.44
C LEU B 135 13.41 19.10 4.05
N ASN B 136 14.32 19.85 3.44
CA ASN B 136 14.78 21.16 3.94
C ASN B 136 15.27 21.08 5.39
N ILE B 137 15.62 19.89 5.85
CA ILE B 137 16.30 19.73 7.13
C ILE B 137 17.79 19.90 6.90
N ASP B 138 18.51 20.37 7.92
CA ASP B 138 19.93 20.60 7.76
C ASP B 138 20.78 19.37 8.03
N HIS B 139 20.26 18.39 8.78
CA HIS B 139 20.99 17.15 8.99
C HIS B 139 20.03 16.07 9.48
N ILE B 140 20.25 14.84 9.01
CA ILE B 140 19.43 13.69 9.37
C ILE B 140 19.98 13.06 10.64
N ASP B 141 19.08 12.66 11.53
CA ASP B 141 19.52 12.12 12.80
C ASP B 141 20.03 10.68 12.68
N LEU B 142 19.49 9.91 11.74
CA LEU B 142 20.06 8.60 11.44
C LEU B 142 19.62 8.16 10.05
N ILE B 143 20.55 7.58 9.29
CA ILE B 143 20.30 7.03 7.97
C ILE B 143 20.50 5.52 8.05
N ASN B 144 19.59 4.77 7.43
CA ASN B 144 19.70 3.31 7.42
C ASN B 144 19.45 2.76 6.01
N VAL B 145 20.18 1.69 5.71
CA VAL B 145 20.22 1.12 4.36
C VAL B 145 19.10 0.10 4.21
N HIS B 146 18.25 0.31 3.21
CA HIS B 146 17.35 -0.74 2.78
C HIS B 146 18.15 -1.86 2.12
N ASP B 147 17.75 -3.10 2.38
CA ASP B 147 18.50 -4.27 1.95
C ASP B 147 19.91 -4.27 2.55
N ASN B 154 23.60 -7.42 -1.67
CA ASN B 154 24.93 -8.01 -1.91
C ASN B 154 25.91 -7.45 -0.89
N GLN B 155 27.02 -6.89 -1.36
CA GLN B 155 28.00 -6.26 -0.46
C GLN B 155 27.81 -4.75 -0.40
N VAL B 156 26.66 -4.40 0.20
CA VAL B 156 26.43 -3.10 0.81
C VAL B 156 27.54 -2.78 1.81
N VAL B 157 28.31 -3.79 2.21
CA VAL B 157 29.39 -3.65 3.18
C VAL B 157 30.45 -2.68 2.69
N ASN B 158 30.71 -2.65 1.37
CA ASN B 158 31.86 -1.94 0.85
C ASN B 158 31.51 -0.68 0.06
N GLU B 159 30.26 -0.47 -0.32
CA GLU B 159 29.91 0.67 -1.16
C GLU B 159 29.06 1.71 -0.44
N THR B 160 27.89 1.33 0.07
CA THR B 160 26.98 2.31 0.64
C THR B 160 27.38 2.68 2.05
N LEU B 161 27.53 1.69 2.92
CA LEU B 161 27.90 1.95 4.30
C LEU B 161 29.14 2.83 4.43
N PRO B 162 30.24 2.61 3.70
CA PRO B 162 31.37 3.56 3.79
C PRO B 162 30.98 5.00 3.46
N ALA B 163 30.18 5.20 2.41
CA ALA B 163 29.74 6.55 2.07
C ALA B 163 28.95 7.18 3.21
N LEU B 164 28.07 6.39 3.84
CA LEU B 164 27.31 6.92 4.96
C LEU B 164 28.19 7.17 6.18
N VAL B 165 29.26 6.37 6.36
CA VAL B 165 30.21 6.67 7.43
C VAL B 165 30.88 8.00 7.16
N GLU B 166 31.34 8.22 5.92
CA GLU B 166 31.90 9.51 5.54
C GLU B 166 30.92 10.63 5.83
N LEU B 167 29.65 10.41 5.51
CA LEU B 167 28.63 11.41 5.74
C LEU B 167 28.46 11.70 7.24
N LYS B 168 28.53 10.66 8.08
CA LYS B 168 28.45 10.85 9.52
C LYS B 168 29.63 11.66 10.04
N GLU B 169 30.82 11.41 9.49
CA GLU B 169 31.97 12.23 9.88
C GLU B 169 31.82 13.67 9.42
N LYS B 170 31.12 13.90 8.31
CA LYS B 170 30.97 15.25 7.78
C LYS B 170 30.16 16.14 8.73
N GLY B 171 29.15 15.57 9.38
CA GLY B 171 28.24 16.31 10.23
C GLY B 171 26.83 16.35 9.74
N LEU B 172 26.56 15.77 8.56
CA LEU B 172 25.24 15.89 7.97
C LEU B 172 24.32 14.74 8.37
N VAL B 173 24.88 13.64 8.89
CA VAL B 173 24.14 12.47 9.36
C VAL B 173 24.62 12.11 10.76
N GLY B 174 23.69 11.89 11.68
CA GLY B 174 24.07 11.61 13.05
C GLY B 174 24.71 10.24 13.21
N HIS B 175 24.03 9.19 12.75
CA HIS B 175 24.46 7.82 12.99
C HIS B 175 24.05 6.98 11.78
N VAL B 176 24.54 5.75 11.74
CA VAL B 176 24.31 4.85 10.61
C VAL B 176 23.66 3.56 11.09
N GLY B 177 22.84 2.99 10.22
CA GLY B 177 22.15 1.75 10.53
C GLY B 177 21.80 1.01 9.25
N ILE B 178 21.16 -0.14 9.44
CA ILE B 178 20.79 -1.04 8.35
C ILE B 178 19.38 -1.56 8.57
N THR B 179 18.70 -1.89 7.47
CA THR B 179 17.36 -2.44 7.48
C THR B 179 17.37 -3.77 6.75
N ASP B 180 16.76 -4.79 7.34
CA ASP B 180 16.53 -6.03 6.60
C ASP B 180 15.50 -6.89 7.31
N LEU B 181 15.03 -7.92 6.57
CA LEU B 181 14.03 -8.88 6.98
C LEU B 181 14.60 -10.04 7.77
N GLN B 182 15.73 -10.59 7.34
CA GLN B 182 16.28 -11.82 7.90
C GLN B 182 17.44 -11.49 8.83
N LEU B 183 17.38 -12.00 10.06
CA LEU B 183 18.38 -11.64 11.05
C LEU B 183 19.76 -12.21 10.69
N GLU B 184 19.80 -13.33 9.98
CA GLU B 184 21.08 -13.85 9.50
C GLU B 184 21.75 -12.86 8.56
N ASN B 185 20.96 -12.18 7.73
CA ASN B 185 21.52 -11.16 6.85
C ASN B 185 22.08 -9.98 7.63
N LEU B 186 21.36 -9.53 8.65
CA LEU B 186 21.86 -8.47 9.53
C LEU B 186 23.19 -8.87 10.15
N LYS B 187 23.24 -10.08 10.69
CA LYS B 187 24.48 -10.60 11.27
C LYS B 187 25.61 -10.58 10.25
N TRP B 188 25.32 -11.06 9.04
CA TRP B 188 26.32 -11.08 7.97
C TRP B 188 26.89 -9.69 7.71
N VAL B 189 26.01 -8.71 7.45
CA VAL B 189 26.50 -7.40 7.03
C VAL B 189 27.23 -6.71 8.16
N ILE B 190 26.72 -6.80 9.39
CA ILE B 190 27.46 -6.22 10.51
C ILE B 190 28.82 -6.90 10.66
N ASP B 191 28.86 -8.22 10.47
CA ASP B 191 30.10 -8.96 10.63
C ASP B 191 31.17 -8.49 9.65
N HIS B 192 30.84 -8.44 8.36
CA HIS B 192 31.85 -8.14 7.35
C HIS B 192 32.13 -6.66 7.19
N ALA B 193 31.37 -5.79 7.84
CA ALA B 193 31.62 -4.36 7.78
C ALA B 193 32.84 -3.99 8.63
N ALA B 194 33.20 -2.71 8.61
CA ALA B 194 34.25 -2.22 9.48
C ALA B 194 33.72 -2.11 10.90
N PRO B 195 34.60 -2.03 11.91
CA PRO B 195 34.13 -2.00 13.30
C PRO B 195 33.38 -0.72 13.61
N ASP B 196 32.27 -0.88 14.35
CA ASP B 196 31.44 0.23 14.81
C ASP B 196 30.92 1.08 13.65
N THR B 197 30.77 0.45 12.48
CA THR B 197 30.10 1.12 11.36
C THR B 197 28.60 1.16 11.58
N VAL B 198 28.00 0.00 11.83
CA VAL B 198 26.56 -0.11 12.02
C VAL B 198 26.23 0.25 13.46
N GLU B 199 25.43 1.29 13.64
CA GLU B 199 24.95 1.67 14.95
C GLU B 199 23.53 1.21 15.23
N ALA B 200 22.66 1.18 14.22
CA ALA B 200 21.30 0.72 14.43
C ALA B 200 20.92 -0.37 13.42
N VAL B 201 20.00 -1.23 13.83
CA VAL B 201 19.37 -2.20 12.94
C VAL B 201 17.87 -2.05 13.06
N LEU B 202 17.16 -2.32 11.96
CA LEU B 202 15.71 -2.29 11.93
C LEU B 202 15.21 -3.60 11.34
N ASN B 203 14.18 -4.19 11.95
CA ASN B 203 13.77 -5.52 11.55
C ASN B 203 12.31 -5.75 11.88
N PHE B 204 11.66 -6.60 11.08
CA PHE B 204 10.21 -6.70 11.03
C PHE B 204 9.71 -8.05 11.55
N CYS B 205 8.60 -8.01 12.28
CA CYS B 205 7.79 -9.19 12.59
C CYS B 205 8.55 -10.27 13.35
N HIS B 206 9.51 -9.88 14.19
CA HIS B 206 10.27 -10.87 14.94
C HIS B 206 10.33 -10.59 16.43
N TYR B 207 9.53 -9.65 16.94
CA TYR B 207 9.22 -9.60 18.37
C TYR B 207 7.73 -9.28 18.47
N SER B 208 6.91 -10.33 18.43
CA SER B 208 5.47 -10.22 18.50
C SER B 208 4.95 -11.28 19.47
N LEU B 209 3.65 -11.22 19.75
CA LEU B 209 3.00 -12.33 20.42
C LEU B 209 3.13 -13.62 19.61
N ASN B 210 3.33 -13.50 18.30
CA ASN B 210 3.39 -14.64 17.40
C ASN B 210 4.78 -14.96 16.88
N ASP B 211 5.74 -14.04 16.97
CA ASP B 211 7.11 -14.30 16.57
C ASP B 211 8.08 -13.74 17.60
N ASP B 212 9.11 -14.53 17.93
CA ASP B 212 9.97 -14.32 19.07
C ASP B 212 11.45 -14.36 18.71
N LYS B 213 11.78 -14.33 17.42
CA LYS B 213 13.13 -14.69 16.98
C LYS B 213 14.19 -13.70 17.44
N LEU B 214 13.85 -12.41 17.47
CA LEU B 214 14.84 -11.37 17.72
C LEU B 214 15.61 -11.60 19.02
N VAL B 215 14.99 -12.27 19.99
CA VAL B 215 15.66 -12.60 21.25
C VAL B 215 16.99 -13.29 20.98
N ASP B 216 16.97 -14.32 20.13
CA ASP B 216 18.16 -15.10 19.80
C ASP B 216 19.32 -14.23 19.37
N PHE B 217 19.07 -13.03 18.85
CA PHE B 217 20.12 -12.17 18.34
C PHE B 217 20.45 -11.00 19.25
N LEU B 218 19.61 -10.73 20.26
CA LEU B 218 19.82 -9.57 21.12
C LEU B 218 21.23 -9.54 21.68
N ASP B 219 21.65 -10.65 22.30
CA ASP B 219 23.01 -10.76 22.82
C ASP B 219 24.03 -10.29 21.79
N TYR B 220 23.96 -10.85 20.57
CA TYR B 220 24.90 -10.47 19.52
C TYR B 220 24.97 -8.96 19.36
N PHE B 221 23.80 -8.31 19.26
CA PHE B 221 23.79 -6.86 19.09
C PHE B 221 24.45 -6.17 20.27
N ASP B 222 24.15 -6.61 21.49
CA ASP B 222 24.82 -6.10 22.68
C ASP B 222 26.33 -6.15 22.51
N GLU B 223 26.84 -7.24 21.93
CA GLU B 223 28.28 -7.44 21.83
C GLU B 223 28.93 -6.50 20.82
N LYS B 224 28.16 -5.94 19.88
CA LYS B 224 28.74 -5.05 18.88
C LYS B 224 28.15 -3.64 18.94
N GLY B 225 27.40 -3.31 19.98
CA GLY B 225 26.98 -1.95 20.22
C GLY B 225 25.96 -1.45 19.23
N VAL B 226 24.90 -2.22 19.01
CA VAL B 226 23.92 -1.93 17.97
C VAL B 226 22.55 -1.77 18.63
N GLY B 227 21.96 -0.58 18.48
CA GLY B 227 20.58 -0.41 18.86
C GLY B 227 19.66 -1.21 17.95
N VAL B 228 18.60 -1.74 18.53
CA VAL B 228 17.67 -2.62 17.82
C VAL B 228 16.33 -1.90 17.68
N ILE B 229 15.77 -1.94 16.48
CA ILE B 229 14.49 -1.34 16.19
C ILE B 229 13.58 -2.44 15.69
N ASN B 230 12.55 -2.76 16.47
CA ASN B 230 11.52 -3.68 16.03
C ASN B 230 10.53 -2.94 15.14
N ALA B 231 9.81 -3.69 14.31
CA ALA B 231 8.78 -3.09 13.47
C ALA B 231 7.71 -4.13 13.19
N SER B 232 6.54 -3.64 12.78
CA SER B 232 5.34 -4.45 12.58
C SER B 232 5.01 -5.24 13.84
N PRO B 233 4.52 -4.58 14.89
CA PRO B 233 4.20 -5.30 16.13
C PRO B 233 3.03 -6.26 15.98
N PHE B 234 2.14 -6.03 15.02
CA PHE B 234 0.90 -6.79 14.89
C PHE B 234 1.01 -7.96 13.93
N GLY B 235 2.22 -8.28 13.45
CA GLY B 235 2.36 -9.33 12.48
C GLY B 235 1.74 -9.02 11.14
N MET B 236 1.52 -7.74 10.84
CA MET B 236 0.95 -7.29 9.56
C MET B 236 -0.43 -7.91 9.33
N GLY B 237 -1.27 -7.87 10.36
CA GLY B 237 -2.65 -8.31 10.28
C GLY B 237 -2.97 -9.50 11.16
N LEU B 238 -1.96 -10.32 11.49
CA LEU B 238 -2.22 -11.53 12.26
C LEU B 238 -2.73 -11.21 13.66
N LEU B 239 -2.13 -10.23 14.32
CA LEU B 239 -2.50 -9.83 15.68
C LEU B 239 -3.45 -8.65 15.67
N THR B 240 -4.31 -8.65 14.66
CA THR B 240 -5.38 -7.68 14.46
C THR B 240 -6.71 -8.39 14.73
N GLN B 241 -7.70 -7.65 15.23
CA GLN B 241 -9.01 -8.27 15.42
C GLN B 241 -9.84 -8.22 14.13
N ARG B 242 -9.58 -7.25 13.25
CA ARG B 242 -10.20 -7.30 11.94
C ARG B 242 -9.69 -8.48 11.13
N GLY B 243 -8.39 -8.74 11.20
CA GLY B 243 -7.84 -9.90 10.55
C GLY B 243 -6.65 -9.53 9.71
N VAL B 244 -6.37 -10.39 8.74
CA VAL B 244 -5.11 -10.36 7.99
C VAL B 244 -5.43 -9.82 6.60
N PRO B 245 -4.56 -9.00 5.99
CA PRO B 245 -4.88 -8.42 4.68
C PRO B 245 -4.96 -9.50 3.60
N GLU B 246 -5.46 -9.07 2.44
CA GLU B 246 -5.72 -10.01 1.35
C GLU B 246 -4.42 -10.54 0.75
N TRP B 247 -3.35 -9.75 0.78
CA TRP B 247 -2.09 -10.17 0.20
C TRP B 247 -1.30 -11.10 1.11
N HIS B 248 -1.71 -11.25 2.37
CA HIS B 248 -0.85 -11.93 3.35
C HIS B 248 -0.69 -13.41 3.03
N PRO B 249 0.52 -13.92 2.87
CA PRO B 249 0.72 -15.33 2.54
C PRO B 249 0.87 -16.22 3.75
N ALA B 250 0.54 -15.73 4.95
CA ALA B 250 0.70 -16.55 6.14
C ALA B 250 -0.04 -17.86 5.95
N PRO B 251 0.57 -18.98 6.32
CA PRO B 251 -0.12 -20.27 6.17
C PRO B 251 -1.41 -20.30 6.96
N LYS B 252 -2.30 -21.20 6.54
CA LYS B 252 -3.63 -21.31 7.16
C LYS B 252 -3.52 -21.57 8.66
N SER B 253 -2.48 -22.28 9.10
CA SER B 253 -2.36 -22.64 10.50
C SER B 253 -2.06 -21.42 11.36
N LEU B 254 -1.05 -20.63 10.98
CA LEU B 254 -0.74 -19.40 11.70
C LEU B 254 -1.92 -18.44 11.68
N ILE B 255 -2.59 -18.35 10.52
CA ILE B 255 -3.76 -17.48 10.39
C ILE B 255 -4.84 -17.89 11.39
N GLU B 256 -5.11 -19.19 11.48
CA GLU B 256 -6.16 -19.65 12.39
C GLU B 256 -5.77 -19.46 13.84
N ALA B 257 -4.53 -19.77 14.19
CA ALA B 257 -4.08 -19.55 15.57
C ALA B 257 -4.24 -18.09 15.97
N CYS B 258 -3.83 -17.17 15.09
CA CYS B 258 -3.91 -15.75 15.43
C CYS B 258 -5.35 -15.26 15.45
N ALA B 259 -6.21 -15.79 14.58
CA ALA B 259 -7.62 -15.41 14.62
C ALA B 259 -8.28 -15.88 15.91
N LYS B 260 -7.93 -17.09 16.36
CA LYS B 260 -8.48 -17.59 17.61
C LYS B 260 -7.96 -16.80 18.80
N ALA B 261 -6.69 -16.38 18.74
CA ALA B 261 -6.16 -15.52 19.80
C ALA B 261 -6.87 -14.17 19.83
N ALA B 262 -7.13 -13.60 18.65
CA ALA B 262 -7.85 -12.33 18.59
C ALA B 262 -9.28 -12.49 19.12
N LYS B 263 -9.91 -13.63 18.84
CA LYS B 263 -11.25 -13.88 19.35
C LYS B 263 -11.26 -14.01 20.86
N PHE B 264 -10.28 -14.74 21.41
CA PHE B 264 -10.17 -14.87 22.87
C PHE B 264 -9.93 -13.51 23.51
N CYS B 265 -9.09 -12.68 22.87
CA CYS B 265 -8.87 -11.33 23.36
C CYS B 265 -10.16 -10.52 23.35
N LYS B 266 -10.92 -10.61 22.26
CA LYS B 266 -12.22 -9.95 22.18
C LYS B 266 -13.13 -10.38 23.33
N GLU B 267 -13.20 -11.68 23.57
CA GLU B 267 -14.05 -12.19 24.65
C GLU B 267 -13.55 -11.77 26.02
N GLN B 268 -12.25 -11.47 26.16
CA GLN B 268 -11.71 -11.02 27.44
C GLN B 268 -11.69 -9.51 27.59
N GLY B 269 -12.29 -8.78 26.64
CA GLY B 269 -12.28 -7.32 26.69
C GLY B 269 -10.88 -6.76 26.75
N TYR B 270 -10.04 -7.14 25.79
CA TYR B 270 -8.65 -6.73 25.73
C TYR B 270 -8.16 -6.88 24.29
N PRO B 271 -8.22 -5.82 23.48
CA PRO B 271 -7.95 -5.98 22.04
C PRO B 271 -6.58 -6.58 21.77
N ILE B 272 -6.55 -7.52 20.82
CA ILE B 272 -5.31 -8.22 20.49
C ILE B 272 -4.25 -7.24 20.02
N GLU B 273 -4.65 -6.17 19.32
CA GLU B 273 -3.68 -5.18 18.89
C GLU B 273 -3.12 -4.42 20.08
N LYS B 274 -3.95 -4.14 21.07
CA LYS B 274 -3.47 -3.53 22.31
C LYS B 274 -2.41 -4.41 22.96
N LEU B 275 -2.67 -5.71 23.05
CA LEU B 275 -1.71 -6.62 23.65
C LEU B 275 -0.43 -6.72 22.82
N ALA B 276 -0.56 -6.78 21.50
CA ALA B 276 0.62 -6.91 20.63
C ALA B 276 1.51 -5.69 20.74
N VAL B 277 0.92 -4.49 20.66
CA VAL B 277 1.72 -3.27 20.76
C VAL B 277 2.26 -3.09 22.17
N GLN B 278 1.51 -3.53 23.19
CA GLN B 278 2.01 -3.55 24.55
C GLN B 278 3.25 -4.43 24.67
N PHE B 279 3.23 -5.57 23.98
CA PHE B 279 4.27 -6.58 24.11
C PHE B 279 5.52 -6.22 23.32
N SER B 280 5.37 -5.57 22.17
CA SER B 280 6.53 -5.26 21.35
C SER B 280 7.39 -4.16 21.96
N VAL B 281 6.80 -3.28 22.77
CA VAL B 281 7.56 -2.24 23.47
C VAL B 281 7.91 -2.68 24.88
N SER B 282 7.62 -3.93 25.24
CA SER B 282 7.77 -4.42 26.61
C SER B 282 9.15 -5.00 26.88
N ASN B 283 10.08 -4.92 25.94
CA ASN B 283 11.41 -5.50 26.14
C ASN B 283 12.42 -4.40 26.37
N PRO B 284 13.12 -4.41 27.52
CA PRO B 284 14.10 -3.34 27.79
C PRO B 284 15.31 -3.36 26.86
N ARG B 285 15.57 -4.47 26.18
CA ARG B 285 16.71 -4.57 25.27
C ARG B 285 16.40 -4.09 23.86
N ILE B 286 15.12 -4.03 23.48
CA ILE B 286 14.70 -3.41 22.23
C ILE B 286 14.44 -1.94 22.52
N PRO B 287 15.32 -1.02 22.10
CA PRO B 287 15.04 0.40 22.35
C PRO B 287 13.65 0.84 21.90
N THR B 288 13.24 0.55 20.67
CA THR B 288 11.98 1.06 20.14
C THR B 288 11.38 0.10 19.12
N THR B 289 10.09 0.31 18.87
CA THR B 289 9.33 -0.40 17.85
C THR B 289 8.58 0.62 16.99
N LEU B 290 8.53 0.33 15.68
CA LEU B 290 8.05 1.26 14.65
C LEU B 290 6.71 0.74 14.12
N PHE B 291 5.63 1.44 14.48
CA PHE B 291 4.30 1.12 13.97
C PHE B 291 3.93 2.11 12.88
N SER B 292 3.20 1.62 11.88
CA SER B 292 2.82 2.41 10.71
C SER B 292 1.31 2.67 10.73
N SER B 293 0.94 3.95 10.65
CA SER B 293 -0.45 4.34 10.58
C SER B 293 -0.57 5.66 9.83
N ALA B 294 -1.78 5.97 9.39
CA ALA B 294 -2.06 7.22 8.69
C ALA B 294 -2.88 8.18 9.55
N LYS B 295 -3.98 7.71 10.14
CA LYS B 295 -4.83 8.56 10.94
C LYS B 295 -4.21 8.80 12.31
N SER B 296 -4.26 10.07 12.75
CA SER B 296 -3.72 10.42 14.06
C SER B 296 -4.42 9.68 15.18
N GLU B 297 -5.68 9.29 14.97
CA GLU B 297 -6.41 8.52 15.98
C GLU B 297 -5.68 7.22 16.30
N SER B 298 -5.06 6.60 15.30
CA SER B 298 -4.33 5.36 15.55
C SER B 298 -3.06 5.62 16.35
N VAL B 299 -2.36 6.72 16.05
CA VAL B 299 -1.20 7.09 16.86
C VAL B 299 -1.60 7.27 18.31
N LEU B 300 -2.68 8.02 18.55
CA LEU B 300 -3.11 8.26 19.93
C LEU B 300 -3.61 6.98 20.59
N GLN B 301 -4.26 6.09 19.84
CA GLN B 301 -4.73 4.83 20.43
C GLN B 301 -3.57 3.93 20.82
N ASN B 302 -2.56 3.81 19.96
CA ASN B 302 -1.42 2.97 20.31
C ASN B 302 -0.57 3.60 21.42
N ILE B 303 -0.51 4.94 21.46
CA ILE B 303 0.11 5.61 22.61
C ILE B 303 -0.63 5.22 23.89
N LYS B 304 -1.95 5.41 23.91
CA LYS B 304 -2.76 5.06 25.06
C LYS B 304 -2.57 3.60 25.44
N TYR B 305 -2.42 2.72 24.45
CA TYR B 305 -2.19 1.31 24.72
C TYR B 305 -0.87 1.09 25.43
N ILE B 306 0.23 1.56 24.84
CA ILE B 306 1.55 1.29 25.39
C ILE B 306 1.74 1.95 26.75
N GLU B 307 1.07 3.08 27.00
CA GLU B 307 1.19 3.74 28.30
C GLU B 307 0.36 3.06 29.38
N GLU B 308 -0.60 2.16 28.99
CA GLU B 308 -1.42 1.40 29.91
C GLU B 308 -0.72 0.10 30.30
N PRO B 309 -0.93 -0.38 31.53
CA PRO B 309 -0.22 -1.57 32.00
C PRO B 309 -0.58 -2.81 31.20
N ILE B 310 0.44 -3.60 30.87
CA ILE B 310 0.26 -4.83 30.11
C ILE B 310 -0.18 -5.94 31.05
N ASP B 311 -1.00 -6.85 30.53
CA ASP B 311 -1.53 -7.99 31.29
C ASP B 311 -0.69 -9.21 30.93
N TRP B 312 0.33 -9.49 31.75
CA TRP B 312 1.27 -10.56 31.44
C TRP B 312 0.59 -11.93 31.45
N SER B 313 -0.43 -12.11 32.27
CA SER B 313 -1.18 -13.37 32.24
C SER B 313 -1.88 -13.55 30.91
N LEU B 314 -2.45 -12.47 30.36
CA LEU B 314 -3.06 -12.59 29.04
C LEU B 314 -2.01 -12.88 27.97
N VAL B 315 -0.81 -12.31 28.13
CA VAL B 315 0.29 -12.63 27.22
C VAL B 315 0.59 -14.13 27.26
N GLU B 316 0.72 -14.69 28.47
CA GLU B 316 0.95 -16.13 28.59
C GLU B 316 -0.18 -16.90 27.92
N LYS B 317 -1.42 -16.45 28.11
CA LYS B 317 -2.56 -17.20 27.58
C LYS B 317 -2.55 -17.25 26.07
N VAL B 318 -2.44 -16.10 25.41
CA VAL B 318 -2.52 -16.13 23.95
C VAL B 318 -1.22 -16.64 23.33
N LYS B 319 -0.07 -16.40 23.96
CA LYS B 319 1.15 -17.03 23.50
C LYS B 319 1.04 -18.55 23.56
N GLU B 320 0.23 -19.07 24.49
CA GLU B 320 -0.08 -20.49 24.46
C GLU B 320 -1.04 -20.82 23.32
N ILE B 321 -2.11 -20.05 23.16
CA ILE B 321 -3.10 -20.34 22.12
C ILE B 321 -2.45 -20.28 20.74
N ILE B 322 -1.54 -19.32 20.53
CA ILE B 322 -0.70 -19.39 19.34
C ILE B 322 0.27 -20.53 19.61
N GLY B 323 -0.03 -21.71 19.07
CA GLY B 323 0.67 -22.91 19.45
C GLY B 323 1.92 -23.15 18.63
N ASP B 324 1.91 -24.22 17.84
CA ASP B 324 3.05 -24.58 17.02
C ASP B 324 3.50 -23.45 16.10
N GLN B 325 2.67 -22.42 15.93
CA GLN B 325 2.92 -21.35 14.97
C GLN B 325 3.79 -20.22 15.50
N GLN B 326 4.21 -20.28 16.77
CA GLN B 326 5.20 -19.35 17.27
C GLN B 326 6.46 -19.41 16.41
N ARG B 327 6.88 -18.25 15.92
CA ARG B 327 8.05 -18.08 15.06
C ARG B 327 7.95 -18.83 13.73
N VAL B 328 6.77 -19.34 13.39
CA VAL B 328 6.54 -19.78 12.01
C VAL B 328 6.64 -18.57 11.10
N SER B 329 7.37 -18.73 9.99
CA SER B 329 7.68 -17.61 9.12
C SER B 329 6.72 -17.55 7.94
N TRP B 330 6.51 -16.34 7.42
CA TRP B 330 5.72 -16.13 6.21
C TRP B 330 6.42 -15.20 5.24
N ALA B 331 7.71 -14.96 5.43
CA ALA B 331 8.49 -14.13 4.53
C ALA B 331 8.67 -14.81 3.18
#